data_5K7D
#
_entry.id   5K7D
#
_cell.length_a   56.573
_cell.length_b   56.573
_cell.length_c   88.297
_cell.angle_alpha   90.00
_cell.angle_beta   90.00
_cell.angle_gamma   120.00
#
_symmetry.space_group_name_H-M   'P 32 2 1'
#
loop_
_entity.id
_entity.type
_entity.pdbx_description
1 polymer 'RNA 47-MER'
2 polymer 'DNA/RNA 11-MER'
3 non-polymer 'IRIDIUM HEXAMMINE ION'
4 non-polymer 'MAGNESIUM ION'
5 water water
#
loop_
_entity_poly.entity_id
_entity_poly.type
_entity_poly.pdbx_seq_one_letter_code
_entity_poly.pdbx_strand_id
1 'polydeoxyribonucleotide/polyribonucleotide hybrid' CGUGGUUAGGGCCACGUUAAAUAGUUGCUUAAGCCCUAAGCGUUGAU A
2 'polydeoxyribonucleotide/polyribonucleotide hybrid' AUCAG(DG)UGCAA B
#
loop_
_chem_comp.id
_chem_comp.type
_chem_comp.name
_chem_comp.formula
A RNA linking ADENOSINE-5'-MONOPHOSPHATE 'C10 H14 N5 O7 P'
C RNA linking CYTIDINE-5'-MONOPHOSPHATE 'C9 H14 N3 O8 P'
DG DNA linking 2'-DEOXYGUANOSINE-5'-MONOPHOSPHATE 'C10 H14 N5 O7 P'
G RNA linking GUANOSINE-5'-MONOPHOSPHATE 'C10 H14 N5 O8 P'
IRI non-polymer 'IRIDIUM HEXAMMINE ION' 'H18 Ir N6 3'
MG non-polymer 'MAGNESIUM ION' 'Mg 2'
U RNA linking URIDINE-5'-MONOPHOSPHATE 'C9 H13 N2 O9 P'
#
# COMPACT_ATOMS: atom_id res chain seq x y z
IR IRI C . 2.09 10.85 -5.57
N1 IRI C . 2.81 12.01 -3.76
N2 IRI C . 3.25 9.08 -4.83
N3 IRI C . 1.38 9.68 -7.35
N4 IRI C . 0.91 12.61 -6.36
N5 IRI C . 0.30 10.13 -4.39
N6 IRI C . 3.89 11.48 -6.75
MG MG D . -10.77 -2.21 3.67
MG MG E . -1.46 -2.32 -6.01
MG MG F . 5.05 -2.83 0.24
MG MG G . 0.49 -1.88 -19.55
IR IRI H . -0.47 -8.48 7.41
N1 IRI H . -0.83 -8.98 9.58
N2 IRI H . 1.40 -7.34 7.89
N3 IRI H . -0.09 -8.01 5.26
N4 IRI H . -2.37 -9.61 6.95
N5 IRI H . 0.74 -10.37 7.16
N6 IRI H . -1.66 -6.60 7.66
MG MG I . -4.67 -7.21 8.77
#